data_5IXW
#
_entry.id   5IXW
#
_cell.length_a   122.830
_cell.length_b   122.830
_cell.length_c   122.830
_cell.angle_alpha   90.00
_cell.angle_beta   90.00
_cell.angle_gamma   90.00
#
_symmetry.space_group_name_H-M   'P 21 3'
#
loop_
_entity.id
_entity.type
_entity.pdbx_description
1 polymer 'Alr2278 protein'
2 non-polymer 'PROTOPORPHYRIN IX CONTAINING FE'
3 non-polymer 1-VINYLIMIDAZOLE
4 non-polymer 'MALONATE ION'
5 water water
#
_entity_poly.entity_id   1
_entity_poly.type   'polypeptide(L)'
_entity_poly.pdbx_seq_one_letter_code
;MYGLVNKAIQDMISKHHGEDTWEAIKQKAGLEDIDFFVGMEAYSDDVTYHLVGAASEVLGKPAEELLIAFGEYWVTYTSE
EGYGELLASAGDSLPEFMENLDNLHARVGLSFPQLRPPAFECQHTSSKSMELHYQSTRAGLAPMVLGLLHGLGKRFQTKV
EVTQTAFRETGEDHDIFSIKYE
;
_entity_poly.pdbx_strand_id   A,B
#
loop_
_chem_comp.id
_chem_comp.type
_chem_comp.name
_chem_comp.formula
HEM non-polymer 'PROTOPORPHYRIN IX CONTAINING FE' 'C34 H32 Fe N4 O4'
MLI non-polymer 'MALONATE ION' 'C3 H2 O4 -2'
NVI non-polymer 1-VINYLIMIDAZOLE 'C5 H7 N2 1'
#
# COMPACT_ATOMS: atom_id res chain seq x y z
N MET A 1 15.30 -6.22 18.67
CA MET A 1 13.95 -6.41 19.30
C MET A 1 13.95 -7.65 20.18
N TYR A 2 12.90 -7.81 20.98
CA TYR A 2 12.76 -8.96 21.86
C TYR A 2 12.55 -10.26 21.11
N GLY A 3 13.04 -11.33 21.71
CA GLY A 3 13.27 -12.57 20.97
C GLY A 3 12.06 -13.14 20.31
N LEU A 4 10.89 -12.82 20.82
CA LEU A 4 9.76 -13.49 20.23
C LEU A 4 9.48 -12.92 18.85
N VAL A 5 9.88 -11.68 18.63
CA VAL A 5 9.79 -11.13 17.27
C VAL A 5 10.54 -12.09 16.35
N ASN A 6 11.69 -12.57 16.82
CA ASN A 6 12.51 -13.42 15.98
C ASN A 6 12.06 -14.86 15.92
N LYS A 7 11.49 -15.37 17.01
CA LYS A 7 11.00 -16.73 16.98
C LYS A 7 9.88 -16.78 15.98
N ALA A 8 9.14 -15.68 15.90
CA ALA A 8 8.00 -15.61 15.01
C ALA A 8 8.44 -15.62 13.55
N ILE A 9 9.64 -15.11 13.28
CA ILE A 9 10.12 -15.09 11.94
C ILE A 9 10.50 -16.50 11.58
N GLN A 10 11.31 -17.06 12.46
CA GLN A 10 11.74 -18.43 12.34
C GLN A 10 10.55 -19.34 12.14
N ASP A 11 9.53 -19.20 12.97
N ASP A 11 9.54 -19.20 12.97
CA ASP A 11 8.35 -20.05 12.88
CA ASP A 11 8.39 -20.07 12.89
C ASP A 11 7.72 -19.96 11.51
C ASP A 11 7.68 -19.95 11.54
N MET A 12 7.59 -18.73 11.00
CA MET A 12 6.91 -18.50 9.74
C MET A 12 7.64 -19.17 8.59
N ILE A 13 8.91 -18.83 8.44
CA ILE A 13 9.77 -19.46 7.44
C ILE A 13 9.73 -20.98 7.52
N SER A 14 9.95 -21.51 8.72
CA SER A 14 9.92 -22.95 8.94
C SER A 14 8.60 -23.59 8.50
N LYS A 15 7.48 -23.07 9.00
CA LYS A 15 6.18 -23.58 8.59
C LYS A 15 5.98 -23.45 7.08
N HIS A 16 6.36 -22.32 6.50
CA HIS A 16 6.09 -22.08 5.10
C HIS A 16 7.09 -22.74 4.16
N HIS A 17 8.37 -22.86 4.54
CA HIS A 17 9.38 -23.50 3.68
C HIS A 17 10.38 -24.44 4.34
N GLY A 18 10.05 -25.04 5.48
CA GLY A 18 10.93 -26.07 6.05
C GLY A 18 12.22 -25.59 6.68
N GLU A 19 12.83 -26.50 7.46
CA GLU A 19 13.87 -26.17 8.42
C GLU A 19 15.22 -26.10 7.77
N ASP A 20 15.33 -26.69 6.60
CA ASP A 20 16.60 -26.67 5.90
C ASP A 20 16.74 -25.29 5.32
N THR A 21 15.69 -24.84 4.63
CA THR A 21 15.56 -23.45 4.20
C THR A 21 15.78 -22.52 5.39
N TRP A 22 15.05 -22.74 6.47
CA TRP A 22 15.23 -21.90 7.64
C TRP A 22 16.68 -21.97 8.17
N GLU A 23 17.22 -23.17 8.33
CA GLU A 23 18.58 -23.30 8.82
C GLU A 23 19.48 -22.46 7.94
N ALA A 24 19.36 -22.69 6.64
CA ALA A 24 20.19 -22.04 5.66
C ALA A 24 20.15 -20.53 5.88
N ILE A 25 18.91 -20.03 5.94
CA ILE A 25 18.64 -18.62 6.14
C ILE A 25 19.23 -18.10 7.41
N LYS A 26 19.26 -18.92 8.44
CA LYS A 26 19.88 -18.47 9.67
C LYS A 26 21.37 -18.30 9.42
N GLN A 27 21.96 -19.31 8.79
CA GLN A 27 23.40 -19.35 8.66
C GLN A 27 23.86 -18.12 7.90
N LYS A 28 23.12 -17.83 6.83
CA LYS A 28 23.41 -16.70 5.99
C LYS A 28 23.36 -15.36 6.75
N ALA A 29 22.47 -15.26 7.74
CA ALA A 29 22.37 -14.03 8.52
C ALA A 29 23.53 -13.89 9.51
N GLY A 30 24.41 -14.89 9.55
CA GLY A 30 25.53 -14.87 10.46
C GLY A 30 25.06 -15.06 11.90
N LEU A 31 24.12 -15.97 12.11
CA LEU A 31 23.59 -16.28 13.45
C LEU A 31 23.61 -17.78 13.74
N GLU A 32 24.68 -18.45 13.33
CA GLU A 32 24.83 -19.87 13.57
C GLU A 32 25.10 -20.13 15.05
N ASP A 33 25.67 -19.14 15.71
CA ASP A 33 26.04 -19.27 17.11
C ASP A 33 24.83 -19.14 18.04
N ILE A 34 23.63 -19.36 17.50
CA ILE A 34 22.40 -19.22 18.25
C ILE A 34 21.55 -20.43 18.03
N ASP A 35 21.34 -21.23 19.07
CA ASP A 35 20.55 -22.44 18.92
C ASP A 35 19.07 -22.16 19.06
N PHE A 36 18.72 -21.16 19.86
CA PHE A 36 17.33 -20.70 19.88
C PHE A 36 17.20 -19.25 20.35
N PHE A 37 16.11 -18.64 19.95
CA PHE A 37 15.81 -17.29 20.34
C PHE A 37 15.04 -17.40 21.63
N VAL A 38 15.26 -16.44 22.51
CA VAL A 38 14.64 -16.47 23.83
C VAL A 38 13.58 -15.39 23.77
N GLY A 39 12.31 -15.79 23.77
CA GLY A 39 11.18 -14.89 23.63
C GLY A 39 11.24 -13.63 24.47
N MET A 40 11.52 -13.77 25.76
CA MET A 40 11.43 -12.63 26.66
C MET A 40 12.76 -11.93 26.81
N GLU A 41 13.68 -12.23 25.90
CA GLU A 41 15.01 -11.67 25.97
C GLU A 41 15.20 -10.61 24.88
N ALA A 42 15.88 -9.54 25.23
CA ALA A 42 16.17 -8.46 24.26
C ALA A 42 17.38 -8.77 23.37
N TYR A 43 17.17 -8.70 22.05
CA TYR A 43 18.24 -8.84 21.06
C TYR A 43 18.50 -7.49 20.35
N SER A 44 19.71 -7.34 19.82
CA SER A 44 20.02 -6.18 18.98
C SER A 44 19.13 -6.26 17.74
N ASP A 45 18.69 -5.11 17.24
CA ASP A 45 17.78 -5.09 16.08
C ASP A 45 18.42 -5.72 14.85
N ASP A 46 19.74 -5.62 14.77
CA ASP A 46 20.51 -6.20 13.68
C ASP A 46 20.07 -7.62 13.40
N VAL A 47 19.90 -8.39 14.47
CA VAL A 47 19.50 -9.78 14.32
C VAL A 47 18.29 -9.85 13.39
N THR A 48 17.33 -9.01 13.64
CA THR A 48 16.11 -9.04 12.87
C THR A 48 16.35 -8.58 11.44
N TYR A 49 16.89 -7.39 11.27
CA TYR A 49 17.25 -6.95 9.91
C TYR A 49 18.04 -8.01 9.14
N HIS A 50 19.06 -8.59 9.76
CA HIS A 50 19.92 -9.53 9.09
C HIS A 50 19.16 -10.69 8.61
N LEU A 51 18.26 -11.17 9.46
CA LEU A 51 17.44 -12.33 9.12
C LEU A 51 16.50 -12.10 7.97
N VAL A 52 16.00 -10.88 7.86
CA VAL A 52 15.07 -10.56 6.78
C VAL A 52 15.86 -10.48 5.49
N GLY A 53 17.02 -9.84 5.58
CA GLY A 53 17.89 -9.56 4.44
C GLY A 53 18.39 -10.88 3.90
N ALA A 54 18.78 -11.74 4.84
CA ALA A 54 19.23 -13.07 4.52
C ALA A 54 18.10 -13.85 3.91
N ALA A 55 16.91 -13.76 4.48
CA ALA A 55 15.77 -14.48 3.91
C ALA A 55 15.30 -13.95 2.55
N SER A 56 15.65 -12.71 2.21
CA SER A 56 15.36 -12.15 0.87
C SER A 56 16.16 -12.90 -0.20
N GLU A 57 17.47 -13.00 0.04
CA GLU A 57 18.37 -13.78 -0.82
C GLU A 57 17.86 -15.18 -1.12
N VAL A 58 17.55 -15.93 -0.06
CA VAL A 58 17.31 -17.37 -0.17
C VAL A 58 15.98 -17.68 -0.83
N LEU A 59 14.99 -16.82 -0.65
CA LEU A 59 13.65 -17.06 -1.22
C LEU A 59 13.44 -16.30 -2.55
N GLY A 60 14.37 -15.38 -2.85
CA GLY A 60 14.26 -14.53 -4.03
C GLY A 60 13.03 -13.61 -4.00
N LYS A 61 12.69 -13.12 -2.81
CA LYS A 61 11.65 -12.12 -2.65
C LYS A 61 12.35 -10.92 -2.05
N PRO A 62 11.78 -9.73 -2.25
CA PRO A 62 12.28 -8.58 -1.53
C PRO A 62 11.86 -8.62 -0.06
N ALA A 63 12.74 -8.10 0.79
CA ALA A 63 12.47 -7.84 2.20
C ALA A 63 11.05 -7.36 2.40
N GLU A 64 10.69 -6.33 1.67
CA GLU A 64 9.40 -5.67 1.88
C GLU A 64 8.21 -6.60 1.70
N GLU A 65 8.37 -7.59 0.85
CA GLU A 65 7.33 -8.57 0.60
C GLU A 65 7.29 -9.57 1.76
N LEU A 66 8.44 -9.85 2.33
CA LEU A 66 8.49 -10.66 3.53
C LEU A 66 7.89 -9.93 4.75
N LEU A 67 8.08 -8.63 4.80
CA LEU A 67 7.63 -7.89 5.97
C LEU A 67 6.11 -7.81 5.94
N ILE A 68 5.55 -7.81 4.73
CA ILE A 68 4.10 -7.74 4.60
C ILE A 68 3.60 -9.03 5.13
N ALA A 69 4.26 -10.09 4.71
CA ALA A 69 3.91 -11.42 5.15
C ALA A 69 4.06 -11.52 6.65
N PHE A 70 5.23 -11.13 7.14
CA PHE A 70 5.44 -11.30 8.54
C PHE A 70 4.35 -10.55 9.27
N GLY A 71 4.01 -9.38 8.79
CA GLY A 71 3.01 -8.55 9.46
C GLY A 71 1.71 -9.32 9.60
N GLU A 72 1.29 -9.96 8.52
CA GLU A 72 0.08 -10.83 8.54
C GLU A 72 0.25 -11.90 9.59
N TYR A 73 1.36 -12.62 9.50
CA TYR A 73 1.54 -13.81 10.31
C TYR A 73 1.53 -13.47 11.80
N TRP A 74 2.05 -12.28 12.13
CA TRP A 74 2.19 -11.87 13.52
C TRP A 74 0.87 -11.94 14.25
N VAL A 75 -0.19 -11.57 13.55
CA VAL A 75 -1.50 -11.49 14.18
C VAL A 75 -2.03 -12.83 14.64
N THR A 76 -1.75 -13.86 13.87
CA THR A 76 -2.23 -15.20 14.17
C THR A 76 -1.33 -15.81 15.20
N TYR A 77 -0.05 -15.62 14.98
CA TYR A 77 0.95 -16.16 15.85
C TYR A 77 0.81 -15.65 17.27
N THR A 78 0.56 -14.36 17.45
CA THR A 78 0.37 -13.85 18.82
C THR A 78 -0.89 -14.42 19.49
N SER A 79 -1.95 -14.69 18.74
CA SER A 79 -3.18 -15.16 19.38
C SER A 79 -3.00 -16.58 19.80
N GLU A 80 -1.95 -17.22 19.31
CA GLU A 80 -1.73 -18.64 19.61
C GLU A 80 -0.58 -18.90 20.56
N GLU A 81 0.29 -17.90 20.78
CA GLU A 81 1.51 -18.15 21.56
C GLU A 81 1.53 -17.39 22.90
N GLY A 82 0.35 -17.05 23.41
CA GLY A 82 0.23 -16.52 24.75
C GLY A 82 -0.31 -15.11 24.88
N TYR A 83 -0.85 -14.59 23.78
CA TYR A 83 -1.45 -13.26 23.79
C TYR A 83 -2.86 -13.22 23.20
N GLY A 84 -3.53 -14.36 23.12
CA GLY A 84 -4.92 -14.41 22.68
C GLY A 84 -5.84 -13.41 23.35
N GLU A 85 -5.79 -13.33 24.68
CA GLU A 85 -6.71 -12.50 25.46
C GLU A 85 -6.36 -11.02 25.46
N LEU A 86 -5.10 -10.69 25.58
CA LEU A 86 -4.67 -9.31 25.38
C LEU A 86 -5.10 -8.81 23.98
N LEU A 87 -5.17 -9.69 23.01
CA LEU A 87 -5.63 -9.27 21.70
C LEU A 87 -7.12 -8.98 21.67
N ALA A 88 -7.93 -9.97 22.02
CA ALA A 88 -9.35 -9.76 22.24
C ALA A 88 -9.61 -8.44 22.98
N SER A 89 -8.96 -8.25 24.13
CA SER A 89 -9.16 -7.05 24.97
C SER A 89 -8.98 -5.77 24.22
N ALA A 90 -8.26 -5.82 23.09
CA ALA A 90 -7.97 -4.63 22.28
C ALA A 90 -9.09 -4.17 21.42
N GLY A 91 -10.10 -5.00 21.22
CA GLY A 91 -11.26 -4.54 20.49
C GLY A 91 -11.85 -5.55 19.55
N ASP A 92 -13.04 -5.22 19.09
CA ASP A 92 -13.86 -6.11 18.33
C ASP A 92 -13.91 -5.58 16.91
N SER A 93 -13.22 -4.47 16.67
CA SER A 93 -13.19 -3.88 15.34
C SER A 93 -11.86 -3.18 15.08
N LEU A 94 -11.49 -3.10 13.80
CA LEU A 94 -10.21 -2.52 13.37
C LEU A 94 -9.95 -1.07 13.81
N PRO A 95 -10.77 -0.11 13.37
CA PRO A 95 -10.64 1.21 13.96
C PRO A 95 -10.44 1.15 15.47
N GLU A 96 -11.34 0.51 16.20
CA GLU A 96 -11.19 0.41 17.63
C GLU A 96 -9.86 -0.17 17.97
N PHE A 97 -9.47 -1.20 17.24
CA PHE A 97 -8.30 -1.92 17.62
C PHE A 97 -7.06 -1.05 17.51
N MET A 98 -6.93 -0.33 16.39
CA MET A 98 -5.85 0.62 16.18
C MET A 98 -5.82 1.76 17.23
N GLU A 99 -7.00 2.26 17.54
CA GLU A 99 -7.12 3.25 18.59
C GLU A 99 -6.52 2.77 19.89
N ASN A 100 -6.72 1.49 20.18
CA ASN A 100 -6.20 0.85 21.36
C ASN A 100 -4.73 0.47 21.27
N LEU A 101 -4.12 0.57 20.10
CA LEU A 101 -2.76 0.01 19.98
C LEU A 101 -1.72 0.57 20.94
N ASP A 102 -1.58 1.88 21.03
CA ASP A 102 -0.64 2.39 22.02
C ASP A 102 -0.93 1.77 23.40
N ASN A 103 -2.20 1.55 23.72
CA ASN A 103 -2.61 0.98 25.00
C ASN A 103 -2.20 -0.52 25.09
N LEU A 104 -2.29 -1.25 23.99
CA LEU A 104 -1.91 -2.66 23.96
C LEU A 104 -0.40 -2.80 24.15
N HIS A 105 0.38 -2.02 23.45
CA HIS A 105 1.83 -2.12 23.58
C HIS A 105 2.29 -1.65 24.99
N ALA A 106 1.60 -0.69 25.57
CA ALA A 106 1.87 -0.34 26.98
C ALA A 106 1.72 -1.56 27.89
N ARG A 107 0.65 -2.31 27.70
CA ARG A 107 0.41 -3.51 28.50
C ARG A 107 1.49 -4.56 28.29
N VAL A 108 1.87 -4.72 27.04
CA VAL A 108 3.03 -5.53 26.68
C VAL A 108 4.29 -5.02 27.39
N GLY A 109 4.44 -3.72 27.51
CA GLY A 109 5.61 -3.10 28.16
C GLY A 109 5.74 -3.35 29.65
N LEU A 110 4.62 -3.62 30.31
CA LEU A 110 4.69 -4.06 31.70
C LEU A 110 5.64 -5.26 31.72
N SER A 111 5.32 -6.25 30.90
CA SER A 111 6.07 -7.47 30.76
C SER A 111 7.42 -7.31 30.03
N PHE A 112 7.55 -6.30 29.19
CA PHE A 112 8.74 -6.17 28.36
C PHE A 112 9.41 -4.84 28.70
N PRO A 113 10.03 -4.78 29.87
CA PRO A 113 10.65 -3.63 30.51
C PRO A 113 11.39 -2.65 29.59
N GLN A 114 12.12 -3.13 28.60
CA GLN A 114 12.85 -2.22 27.68
C GLN A 114 12.26 -2.27 26.27
N LEU A 115 10.98 -2.57 26.17
CA LEU A 115 10.30 -2.47 24.88
C LEU A 115 10.55 -1.07 24.27
N ARG A 116 10.81 -1.00 22.96
CA ARG A 116 10.75 0.26 22.23
CA ARG A 116 10.75 0.26 22.22
C ARG A 116 9.62 0.13 21.21
N PRO A 117 8.39 0.38 21.64
CA PRO A 117 7.23 0.16 20.80
C PRO A 117 6.93 1.33 19.83
N PRO A 118 6.21 1.03 18.74
CA PRO A 118 5.72 2.10 17.86
C PRO A 118 4.66 2.95 18.56
N ALA A 119 4.25 4.04 17.91
CA ALA A 119 3.18 4.88 18.42
C ALA A 119 2.19 5.16 17.30
N PHE A 120 0.93 4.80 17.48
CA PHE A 120 -0.03 4.90 16.38
C PHE A 120 -1.11 5.91 16.63
N GLU A 121 -1.26 6.89 15.74
CA GLU A 121 -2.33 7.83 15.92
C GLU A 121 -3.36 7.72 14.80
N CYS A 122 -4.61 7.77 15.16
CA CYS A 122 -5.69 7.58 14.21
C CYS A 122 -6.40 8.89 14.04
N GLN A 123 -6.60 9.31 12.81
CA GLN A 123 -7.60 10.36 12.49
C GLN A 123 -8.72 9.67 11.68
N HIS A 124 -9.96 9.83 12.12
CA HIS A 124 -11.09 9.17 11.50
C HIS A 124 -11.75 10.05 10.43
N THR A 125 -11.64 9.64 9.16
CA THR A 125 -12.14 10.45 8.07
C THR A 125 -13.67 10.41 8.03
N SER A 126 -14.25 9.27 8.45
CA SER A 126 -15.60 8.76 8.15
C SER A 126 -15.85 7.49 8.96
N SER A 127 -17.08 6.99 8.90
CA SER A 127 -17.45 5.75 9.59
C SER A 127 -16.74 4.54 8.98
N LYS A 128 -16.08 4.74 7.84
CA LYS A 128 -15.41 3.66 7.12
C LYS A 128 -14.05 4.08 6.53
N SER A 129 -13.38 5.05 7.16
CA SER A 129 -12.07 5.48 6.66
C SER A 129 -11.20 6.17 7.73
N MET A 130 -9.89 5.95 7.67
CA MET A 130 -8.98 6.56 8.63
C MET A 130 -7.61 6.91 8.06
N GLU A 131 -7.00 7.96 8.64
CA GLU A 131 -5.54 8.24 8.47
C GLU A 131 -4.73 7.69 9.64
N LEU A 132 -3.87 6.73 9.36
CA LEU A 132 -3.05 6.12 10.37
C LEU A 132 -1.65 6.72 10.38
N HIS A 133 -1.32 7.30 11.51
CA HIS A 133 -0.01 7.87 11.70
C HIS A 133 0.86 6.89 12.44
N TYR A 134 1.93 6.47 11.81
CA TYR A 134 2.80 5.47 12.40
C TYR A 134 4.12 6.06 12.73
N GLN A 135 4.48 6.06 14.01
CA GLN A 135 5.76 6.64 14.44
C GLN A 135 6.70 5.67 15.14
N SER A 136 7.99 5.68 14.77
CA SER A 136 8.91 4.67 15.23
C SER A 136 10.32 5.14 15.40
N THR A 137 11.01 4.46 16.32
CA THR A 137 12.45 4.59 16.58
C THR A 137 13.28 3.84 15.58
N ARG A 138 12.64 2.96 14.81
CA ARG A 138 13.33 2.10 13.84
C ARG A 138 12.93 2.39 12.37
N ALA A 139 13.80 2.00 11.44
CA ALA A 139 13.55 2.21 10.02
C ALA A 139 13.08 0.94 9.31
N GLY A 140 12.29 1.11 8.28
CA GLY A 140 12.02 0.03 7.34
C GLY A 140 10.86 -0.91 7.64
N LEU A 141 10.01 -0.59 8.61
CA LEU A 141 8.99 -1.57 9.02
C LEU A 141 7.59 -1.25 8.52
N ALA A 142 7.47 -0.15 7.79
CA ALA A 142 6.19 0.22 7.24
C ALA A 142 5.56 -0.91 6.46
N PRO A 143 6.35 -1.63 5.69
CA PRO A 143 5.68 -2.73 4.99
C PRO A 143 4.97 -3.70 5.94
N MET A 144 5.54 -3.87 7.13
CA MET A 144 4.97 -4.75 8.12
C MET A 144 3.65 -4.20 8.60
N VAL A 145 3.60 -2.90 8.83
CA VAL A 145 2.36 -2.27 9.30
C VAL A 145 1.26 -2.65 8.31
N LEU A 146 1.62 -2.64 7.05
CA LEU A 146 0.68 -2.98 6.00
C LEU A 146 0.18 -4.41 6.18
N GLY A 147 1.11 -5.32 6.42
CA GLY A 147 0.73 -6.72 6.63
C GLY A 147 -0.10 -6.85 7.88
N LEU A 148 0.38 -6.22 8.95
CA LEU A 148 -0.35 -6.21 10.22
C LEU A 148 -1.83 -5.88 10.07
N LEU A 149 -2.11 -4.81 9.37
CA LEU A 149 -3.48 -4.38 9.13
C LEU A 149 -4.30 -5.37 8.33
N HIS A 150 -3.67 -6.05 7.40
CA HIS A 150 -4.39 -7.03 6.61
C HIS A 150 -4.78 -8.19 7.50
N GLY A 151 -3.89 -8.54 8.42
CA GLY A 151 -4.16 -9.61 9.36
C GLY A 151 -5.33 -9.21 10.24
N LEU A 152 -5.32 -7.95 10.71
CA LEU A 152 -6.43 -7.44 11.49
C LEU A 152 -7.73 -7.50 10.69
N GLY A 153 -7.72 -6.98 9.47
CA GLY A 153 -8.85 -7.19 8.54
C GLY A 153 -9.39 -8.63 8.51
N LYS A 154 -8.48 -9.58 8.42
CA LYS A 154 -8.87 -10.96 8.38
C LYS A 154 -9.54 -11.31 9.70
N ARG A 155 -8.91 -10.92 10.81
CA ARG A 155 -9.42 -11.24 12.16
C ARG A 155 -10.86 -10.75 12.41
N PHE A 156 -11.15 -9.55 11.92
CA PHE A 156 -12.44 -8.92 12.20
C PHE A 156 -13.36 -9.04 10.99
N GLN A 157 -13.06 -10.00 10.12
CA GLN A 157 -13.95 -10.26 8.98
C GLN A 157 -14.17 -8.99 8.18
N THR A 158 -13.10 -8.23 7.95
CA THR A 158 -13.23 -6.91 7.37
C THR A 158 -12.27 -6.73 6.19
N LYS A 159 -12.84 -6.26 5.08
CA LYS A 159 -12.03 -5.97 3.90
C LYS A 159 -11.41 -4.63 4.15
N VAL A 160 -10.14 -4.49 3.79
CA VAL A 160 -9.43 -3.26 4.04
C VAL A 160 -8.51 -2.93 2.90
N GLU A 161 -8.37 -1.65 2.60
CA GLU A 161 -7.39 -1.22 1.61
C GLU A 161 -6.45 -0.19 2.22
N VAL A 162 -5.17 -0.50 2.20
CA VAL A 162 -4.20 0.36 2.82
C VAL A 162 -3.31 1.00 1.80
N THR A 163 -3.18 2.32 1.89
CA THR A 163 -2.34 3.08 0.97
C THR A 163 -1.39 4.02 1.70
N GLN A 164 -0.09 3.78 1.61
CA GLN A 164 0.84 4.65 2.28
C GLN A 164 1.07 5.98 1.56
N THR A 165 0.76 7.08 2.23
CA THR A 165 0.78 8.40 1.61
C THR A 165 1.99 9.23 1.98
N ALA A 166 2.92 8.69 2.77
CA ALA A 166 4.03 9.48 3.28
C ALA A 166 5.01 8.54 3.88
N PHE A 167 6.30 8.86 3.75
CA PHE A 167 7.36 7.88 3.88
C PHE A 167 8.59 8.33 4.69
N ARG A 168 8.80 7.72 5.86
CA ARG A 168 9.90 8.05 6.76
C ARG A 168 11.29 8.04 6.12
N GLU A 169 11.55 7.18 5.13
CA GLU A 169 12.94 7.12 4.62
C GLU A 169 13.29 7.92 3.36
N THR A 170 12.38 8.77 2.89
CA THR A 170 12.76 9.86 2.01
C THR A 170 12.88 11.15 2.82
N GLY A 171 12.85 11.04 4.14
CA GLY A 171 13.11 12.19 5.01
C GLY A 171 11.87 12.77 5.67
N GLU A 172 10.69 12.35 5.24
CA GLU A 172 9.44 12.79 5.89
C GLU A 172 9.41 12.37 7.34
N ASP A 173 8.67 13.12 8.14
CA ASP A 173 8.75 12.95 9.58
C ASP A 173 8.34 11.57 9.96
N HIS A 174 7.25 11.07 9.37
CA HIS A 174 6.82 9.73 9.67
C HIS A 174 5.88 9.13 8.68
N ASP A 175 5.81 7.81 8.70
CA ASP A 175 4.92 7.06 7.82
C ASP A 175 3.46 7.39 8.15
N ILE A 176 2.71 7.78 7.12
CA ILE A 176 1.27 8.04 7.22
C ILE A 176 0.62 7.10 6.21
N PHE A 177 -0.50 6.49 6.61
CA PHE A 177 -1.23 5.54 5.77
C PHE A 177 -2.65 6.04 5.59
N SER A 178 -3.20 5.91 4.38
CA SER A 178 -4.63 6.14 4.16
C SER A 178 -5.29 4.77 4.16
N ILE A 179 -6.40 4.63 4.86
CA ILE A 179 -7.03 3.32 5.03
C ILE A 179 -8.51 3.39 4.80
N LYS A 180 -9.06 2.37 4.16
CA LYS A 180 -10.48 2.26 3.86
C LYS A 180 -10.88 0.86 4.24
N TYR A 181 -12.05 0.72 4.86
CA TYR A 181 -12.47 -0.55 5.48
C TYR A 181 -13.98 -0.74 5.52
N GLU A 182 -14.41 -1.98 5.22
CA GLU A 182 -15.80 -2.44 5.37
C GLU A 182 -16.60 -1.54 6.34
N MET B 1 -2.93 16.06 -20.08
CA MET B 1 -3.38 14.73 -20.58
C MET B 1 -4.69 14.87 -21.37
N TYR B 2 -5.05 13.85 -22.12
CA TYR B 2 -6.29 13.89 -22.88
C TYR B 2 -7.41 14.15 -21.92
N GLY B 3 -8.43 14.86 -22.41
CA GLY B 3 -9.46 15.43 -21.51
C GLY B 3 -10.43 14.48 -20.85
N LEU B 4 -10.47 13.26 -21.32
CA LEU B 4 -11.06 12.12 -20.60
C LEU B 4 -10.67 12.14 -19.14
N VAL B 5 -9.42 12.47 -18.86
CA VAL B 5 -8.86 12.35 -17.53
C VAL B 5 -9.45 13.44 -16.66
N ASN B 6 -9.51 14.63 -17.22
CA ASN B 6 -10.09 15.73 -16.48
C ASN B 6 -11.60 15.63 -16.36
N LYS B 7 -12.24 15.09 -17.40
CA LYS B 7 -13.65 14.74 -17.30
C LYS B 7 -13.85 13.78 -16.14
N ALA B 8 -12.90 12.86 -16.03
CA ALA B 8 -12.93 11.82 -15.01
C ALA B 8 -12.92 12.39 -13.60
N ILE B 9 -12.16 13.46 -13.43
CA ILE B 9 -11.94 14.02 -12.13
C ILE B 9 -13.15 14.85 -11.78
N GLN B 10 -13.60 15.62 -12.77
CA GLN B 10 -14.80 16.43 -12.65
C GLN B 10 -16.01 15.60 -12.27
N ASP B 11 -16.10 14.38 -12.78
CA ASP B 11 -17.26 13.58 -12.48
C ASP B 11 -17.13 12.87 -11.15
N MET B 12 -15.92 12.48 -10.77
CA MET B 12 -15.77 11.87 -9.46
C MET B 12 -16.16 12.95 -8.44
N ILE B 13 -15.52 14.11 -8.51
CA ILE B 13 -15.83 15.25 -7.64
C ILE B 13 -17.33 15.52 -7.60
N SER B 14 -17.89 15.78 -8.78
CA SER B 14 -19.33 15.95 -8.93
C SER B 14 -20.18 14.84 -8.27
N LYS B 15 -19.96 13.57 -8.57
CA LYS B 15 -20.76 12.50 -7.90
C LYS B 15 -20.67 12.60 -6.37
N HIS B 16 -19.50 12.95 -5.86
CA HIS B 16 -19.22 12.81 -4.44
C HIS B 16 -19.63 14.00 -3.59
N HIS B 17 -19.30 15.20 -4.04
CA HIS B 17 -19.45 16.43 -3.23
C HIS B 17 -20.31 17.53 -3.85
N GLY B 18 -20.93 17.22 -4.97
CA GLY B 18 -21.84 18.15 -5.60
C GLY B 18 -21.19 19.09 -6.57
N GLU B 19 -22.00 19.83 -7.27
CA GLU B 19 -21.51 20.74 -8.26
C GLU B 19 -20.90 22.04 -7.94
N ASP B 20 -21.51 22.70 -6.98
CA ASP B 20 -20.93 23.75 -6.21
C ASP B 20 -19.46 23.52 -6.02
N THR B 21 -19.10 22.38 -5.47
CA THR B 21 -17.74 22.11 -5.12
C THR B 21 -16.84 22.06 -6.31
N TRP B 22 -17.20 21.23 -7.26
CA TRP B 22 -16.51 21.12 -8.53
C TRP B 22 -16.17 22.49 -9.11
N GLU B 23 -17.15 23.38 -9.10
CA GLU B 23 -16.96 24.70 -9.69
C GLU B 23 -15.99 25.55 -8.88
N ALA B 24 -16.10 25.55 -7.54
CA ALA B 24 -15.09 26.25 -6.74
C ALA B 24 -13.69 25.69 -7.08
N ILE B 25 -13.58 24.38 -7.09
CA ILE B 25 -12.33 23.74 -7.42
C ILE B 25 -11.87 24.16 -8.81
N LYS B 26 -12.77 24.04 -9.77
CA LYS B 26 -12.51 24.45 -11.14
C LYS B 26 -12.14 25.93 -11.22
N GLN B 27 -12.77 26.75 -10.38
CA GLN B 27 -12.39 28.15 -10.32
C GLN B 27 -11.03 28.33 -9.65
N LYS B 28 -10.88 27.70 -8.49
CA LYS B 28 -9.64 27.77 -7.73
C LYS B 28 -8.47 27.32 -8.58
N ALA B 29 -8.58 26.14 -9.19
CA ALA B 29 -7.53 25.65 -10.08
C ALA B 29 -7.36 26.56 -11.31
N GLY B 30 -8.13 27.65 -11.35
CA GLY B 30 -7.96 28.68 -12.38
C GLY B 30 -8.41 28.27 -13.77
N LEU B 31 -9.56 27.59 -13.85
CA LEU B 31 -10.00 26.97 -15.10
C LEU B 31 -11.45 27.27 -15.52
N GLU B 32 -12.09 28.21 -14.82
CA GLU B 32 -13.47 28.67 -15.12
C GLU B 32 -13.77 28.97 -16.61
N ASP B 33 -12.78 29.49 -17.34
CA ASP B 33 -12.88 29.74 -18.80
C ASP B 33 -13.51 28.56 -19.55
N ILE B 34 -12.84 27.42 -19.47
CA ILE B 34 -13.28 26.18 -20.08
C ILE B 34 -14.66 25.76 -19.56
N ASP B 35 -15.60 25.45 -20.46
CA ASP B 35 -16.99 25.11 -20.09
C ASP B 35 -17.25 23.60 -19.96
N PHE B 36 -16.47 22.80 -20.68
CA PHE B 36 -16.45 21.34 -20.49
C PHE B 36 -15.12 20.85 -21.06
N PHE B 37 -14.64 19.72 -20.57
CA PHE B 37 -13.47 19.09 -21.18
C PHE B 37 -13.88 18.31 -22.42
N VAL B 38 -13.02 18.33 -23.45
CA VAL B 38 -13.23 17.52 -24.67
C VAL B 38 -12.50 16.17 -24.60
N GLY B 39 -13.29 15.10 -24.48
CA GLY B 39 -12.79 13.79 -24.10
C GLY B 39 -11.58 13.33 -24.86
N MET B 40 -11.56 13.64 -26.14
CA MET B 40 -10.55 13.07 -27.03
C MET B 40 -9.59 14.15 -27.50
N GLU B 41 -9.52 15.26 -26.78
CA GLU B 41 -8.61 16.34 -27.15
C GLU B 41 -7.53 16.38 -26.09
N ALA B 42 -6.34 16.81 -26.48
CA ALA B 42 -5.20 16.92 -25.55
C ALA B 42 -5.09 18.27 -24.85
N TYR B 43 -4.67 18.20 -23.58
CA TYR B 43 -4.46 19.36 -22.71
C TYR B 43 -3.01 19.39 -22.15
N SER B 44 -2.66 20.49 -21.50
CA SER B 44 -1.42 20.57 -20.77
C SER B 44 -1.60 19.93 -19.39
N ASP B 45 -0.79 18.93 -19.09
CA ASP B 45 -0.78 18.30 -17.78
C ASP B 45 -1.07 19.35 -16.68
N ASP B 46 -0.66 20.60 -16.92
CA ASP B 46 -0.83 21.68 -15.94
C ASP B 46 -2.26 21.63 -15.48
N VAL B 47 -3.15 21.55 -16.48
CA VAL B 47 -4.56 21.50 -16.23
C VAL B 47 -4.87 20.43 -15.19
N THR B 48 -4.22 19.27 -15.29
CA THR B 48 -4.60 18.18 -14.38
C THR B 48 -4.02 18.38 -12.99
N TYR B 49 -2.77 18.84 -12.92
CA TYR B 49 -2.13 19.05 -11.60
C TYR B 49 -2.81 20.17 -10.79
N HIS B 50 -3.21 21.26 -11.43
CA HIS B 50 -3.88 22.34 -10.72
C HIS B 50 -5.24 21.91 -10.25
N LEU B 51 -5.89 21.07 -11.02
CA LEU B 51 -7.15 20.55 -10.59
C LEU B 51 -6.97 19.83 -9.31
N VAL B 52 -5.89 19.05 -9.23
CA VAL B 52 -5.71 18.20 -8.08
C VAL B 52 -5.41 19.04 -6.86
N GLY B 53 -4.61 20.07 -7.08
CA GLY B 53 -4.24 20.99 -6.02
C GLY B 53 -5.41 21.76 -5.48
N ALA B 54 -6.29 22.20 -6.38
CA ALA B 54 -7.50 22.90 -5.96
C ALA B 54 -8.32 21.97 -5.11
N ALA B 55 -8.65 20.83 -5.69
CA ALA B 55 -9.38 19.79 -4.97
C ALA B 55 -8.86 19.61 -3.56
N SER B 56 -7.56 19.62 -3.38
CA SER B 56 -6.98 19.40 -2.04
C SER B 56 -7.36 20.50 -1.08
N GLU B 57 -7.10 21.73 -1.51
CA GLU B 57 -7.40 22.89 -0.73
C GLU B 57 -8.90 22.98 -0.46
N VAL B 58 -9.71 23.11 -1.49
CA VAL B 58 -11.16 23.17 -1.25
C VAL B 58 -11.63 22.06 -0.32
N LEU B 59 -11.20 20.83 -0.58
CA LEU B 59 -11.71 19.70 0.21
C LEU B 59 -10.94 19.54 1.50
N GLY B 60 -9.77 20.14 1.57
CA GLY B 60 -8.96 20.12 2.79
C GLY B 60 -8.37 18.73 3.01
N LYS B 61 -8.04 18.08 1.89
CA LYS B 61 -7.57 16.70 1.91
C LYS B 61 -6.20 16.65 1.26
N PRO B 62 -5.39 15.67 1.65
CA PRO B 62 -4.08 15.55 0.98
C PRO B 62 -4.22 15.20 -0.51
N ALA B 63 -3.47 15.93 -1.35
CA ALA B 63 -3.40 15.69 -2.78
C ALA B 63 -3.24 14.20 -3.05
N GLU B 64 -2.42 13.55 -2.23
CA GLU B 64 -2.14 12.13 -2.31
C GLU B 64 -3.37 11.29 -2.10
N GLU B 65 -4.30 11.78 -1.29
CA GLU B 65 -5.47 11.01 -0.97
C GLU B 65 -6.49 11.07 -2.11
N LEU B 66 -6.50 12.20 -2.79
CA LEU B 66 -7.40 12.40 -3.92
C LEU B 66 -6.89 11.61 -5.12
N LEU B 67 -5.57 11.48 -5.22
CA LEU B 67 -5.00 10.73 -6.31
C LEU B 67 -5.39 9.28 -6.10
N ILE B 68 -5.35 8.82 -4.85
CA ILE B 68 -5.61 7.43 -4.59
C ILE B 68 -7.04 7.08 -4.93
N ALA B 69 -7.96 7.94 -4.50
CA ALA B 69 -9.37 7.72 -4.85
C ALA B 69 -9.58 7.89 -6.33
N PHE B 70 -8.76 8.71 -6.97
CA PHE B 70 -8.99 8.93 -8.38
C PHE B 70 -8.59 7.68 -9.13
N GLY B 71 -7.45 7.11 -8.76
CA GLY B 71 -7.03 5.81 -9.31
C GLY B 71 -8.08 4.70 -9.20
N GLU B 72 -8.78 4.65 -8.07
CA GLU B 72 -9.83 3.65 -7.86
C GLU B 72 -11.06 3.90 -8.71
N TYR B 73 -11.37 5.16 -8.86
CA TYR B 73 -12.55 5.59 -9.57
C TYR B 73 -12.46 5.19 -11.04
N TRP B 74 -11.25 5.30 -11.57
CA TRP B 74 -10.98 5.34 -13.00
C TRP B 74 -11.30 4.01 -13.52
N VAL B 75 -11.06 3.02 -12.71
CA VAL B 75 -11.31 1.66 -13.10
C VAL B 75 -12.78 1.45 -13.34
N THR B 76 -13.63 1.94 -12.45
CA THR B 76 -15.06 1.90 -12.70
C THR B 76 -15.47 2.85 -13.83
N TYR B 77 -14.92 4.05 -13.84
CA TYR B 77 -15.31 5.07 -14.84
C TYR B 77 -15.01 4.66 -16.29
N THR B 78 -13.86 4.04 -16.53
CA THR B 78 -13.52 3.56 -17.86
C THR B 78 -14.46 2.43 -18.32
N SER B 79 -14.68 1.43 -17.47
CA SER B 79 -15.63 0.37 -17.80
C SER B 79 -17.02 0.91 -18.13
N GLU B 80 -17.26 2.17 -17.83
CA GLU B 80 -18.61 2.71 -18.02
C GLU B 80 -18.77 3.84 -19.02
N GLU B 81 -17.70 4.56 -19.35
CA GLU B 81 -17.80 5.63 -20.37
C GLU B 81 -17.05 5.25 -21.66
N GLY B 82 -17.16 3.97 -22.05
CA GLY B 82 -16.77 3.53 -23.39
C GLY B 82 -15.52 2.68 -23.48
N TYR B 83 -15.11 2.06 -22.40
CA TYR B 83 -13.94 1.22 -22.44
C TYR B 83 -14.11 -0.08 -21.69
N GLY B 84 -15.33 -0.49 -21.44
CA GLY B 84 -15.55 -1.75 -20.68
C GLY B 84 -15.11 -3.02 -21.39
N GLU B 85 -15.29 -3.06 -22.70
CA GLU B 85 -14.89 -4.23 -23.48
C GLU B 85 -13.37 -4.29 -23.63
N LEU B 86 -12.76 -3.14 -23.83
CA LEU B 86 -11.31 -3.03 -23.80
C LEU B 86 -10.77 -3.47 -22.43
N LEU B 87 -11.29 -2.91 -21.35
CA LEU B 87 -10.91 -3.39 -20.05
C LEU B 87 -10.98 -4.93 -20.02
N ALA B 88 -12.14 -5.49 -20.30
CA ALA B 88 -12.29 -6.92 -20.08
C ALA B 88 -11.30 -7.69 -20.93
N SER B 89 -10.97 -7.18 -22.10
CA SER B 89 -10.04 -7.87 -22.99
C SER B 89 -8.65 -7.95 -22.37
N ALA B 90 -8.35 -7.04 -21.43
CA ALA B 90 -7.04 -7.06 -20.76
C ALA B 90 -6.91 -8.16 -19.69
N GLY B 91 -7.99 -8.90 -19.45
CA GLY B 91 -7.87 -10.15 -18.69
C GLY B 91 -8.79 -10.24 -17.50
N ASP B 92 -8.79 -11.37 -16.81
CA ASP B 92 -9.68 -11.53 -15.68
C ASP B 92 -8.96 -12.06 -14.47
N SER B 93 -7.74 -11.55 -14.28
CA SER B 93 -7.00 -11.65 -13.02
C SER B 93 -6.03 -10.49 -12.93
N LEU B 94 -5.67 -10.10 -11.72
CA LEU B 94 -4.83 -8.93 -11.57
C LEU B 94 -3.46 -9.14 -12.23
N PRO B 95 -2.82 -10.28 -11.98
CA PRO B 95 -1.52 -10.37 -12.59
C PRO B 95 -1.63 -10.35 -14.11
N GLU B 96 -2.54 -11.13 -14.68
CA GLU B 96 -2.67 -11.12 -16.14
C GLU B 96 -2.85 -9.67 -16.60
N PHE B 97 -3.76 -9.00 -15.94
CA PHE B 97 -4.08 -7.65 -16.31
C PHE B 97 -2.85 -6.76 -16.34
N MET B 98 -2.06 -6.80 -15.28
CA MET B 98 -0.84 -5.98 -15.26
C MET B 98 0.19 -6.32 -16.34
N GLU B 99 0.20 -7.55 -16.86
CA GLU B 99 1.08 -7.83 -18.01
C GLU B 99 0.54 -7.23 -19.31
N ASN B 100 -0.79 -7.11 -19.45
CA ASN B 100 -1.42 -6.60 -20.68
C ASN B 100 -1.53 -5.10 -20.72
N LEU B 101 -0.95 -4.42 -19.76
CA LEU B 101 -1.37 -3.06 -19.54
C LEU B 101 -0.68 -2.15 -20.53
N ASP B 102 0.55 -2.47 -20.88
CA ASP B 102 1.21 -1.73 -21.93
C ASP B 102 0.51 -1.96 -23.25
N ASN B 103 0.05 -3.19 -23.52
CA ASN B 103 -0.70 -3.46 -24.76
C ASN B 103 -2.06 -2.79 -24.73
N LEU B 104 -2.69 -2.82 -23.56
CA LEU B 104 -3.91 -2.07 -23.35
C LEU B 104 -3.68 -0.62 -23.71
N HIS B 105 -2.70 0.02 -23.11
CA HIS B 105 -2.54 1.41 -23.40
C HIS B 105 -2.11 1.57 -24.85
N ALA B 106 -1.43 0.59 -25.43
CA ALA B 106 -1.07 0.67 -26.87
C ALA B 106 -2.33 0.71 -27.77
N ARG B 107 -3.32 -0.11 -27.47
CA ARG B 107 -4.57 -0.08 -28.22
C ARG B 107 -5.24 1.27 -28.14
N VAL B 108 -5.36 1.77 -26.92
CA VAL B 108 -5.89 3.10 -26.67
C VAL B 108 -5.15 4.17 -27.48
N GLY B 109 -3.84 4.03 -27.55
CA GLY B 109 -2.97 5.08 -28.08
C GLY B 109 -2.99 5.20 -29.59
N LEU B 110 -3.69 4.28 -30.24
CA LEU B 110 -3.71 4.29 -31.69
C LEU B 110 -4.97 5.05 -32.13
N SER B 111 -5.90 5.20 -31.17
CA SER B 111 -6.98 6.19 -31.24
C SER B 111 -6.53 7.58 -30.71
N PHE B 112 -6.21 7.69 -29.43
CA PHE B 112 -5.60 8.90 -28.89
C PHE B 112 -4.14 8.86 -29.34
N PRO B 113 -3.84 9.33 -30.54
CA PRO B 113 -2.53 9.01 -31.10
C PRO B 113 -1.43 9.96 -30.63
N GLN B 114 -1.73 10.82 -29.66
CA GLN B 114 -0.68 11.62 -29.00
C GLN B 114 -0.43 11.18 -27.58
N LEU B 115 -1.07 10.09 -27.20
CA LEU B 115 -0.95 9.52 -25.86
C LEU B 115 0.50 9.39 -25.35
N ARG B 116 0.69 9.66 -24.05
CA ARG B 116 1.95 9.39 -23.36
C ARG B 116 1.74 8.37 -22.28
N PRO B 117 1.50 7.13 -22.70
CA PRO B 117 1.22 6.08 -21.71
C PRO B 117 2.38 5.86 -20.74
N PRO B 118 2.06 5.31 -19.58
CA PRO B 118 3.12 4.79 -18.76
C PRO B 118 3.57 3.41 -19.22
N ALA B 119 4.67 2.92 -18.66
CA ALA B 119 5.12 1.54 -18.86
C ALA B 119 5.12 0.77 -17.55
N PHE B 120 4.68 -0.48 -17.60
CA PHE B 120 4.61 -1.35 -16.44
C PHE B 120 5.24 -2.70 -16.76
N GLU B 121 6.32 -3.04 -16.07
CA GLU B 121 6.95 -4.34 -16.20
CA GLU B 121 6.90 -4.35 -16.23
C GLU B 121 6.74 -5.08 -14.89
N CYS B 122 6.26 -6.31 -14.95
CA CYS B 122 6.04 -7.15 -13.76
C CYS B 122 7.19 -8.17 -13.64
N GLN B 123 7.72 -8.34 -12.42
CA GLN B 123 8.62 -9.46 -12.08
C GLN B 123 8.00 -10.25 -10.95
N HIS B 124 7.54 -11.45 -11.31
CA HIS B 124 6.79 -12.30 -10.44
C HIS B 124 7.73 -12.97 -9.49
N THR B 125 7.42 -12.83 -8.21
CA THR B 125 8.25 -13.37 -7.17
C THR B 125 7.57 -14.64 -6.68
N SER B 126 6.33 -14.85 -7.10
CA SER B 126 5.58 -16.06 -6.80
C SER B 126 4.31 -16.03 -7.62
N SER B 127 3.41 -16.95 -7.31
CA SER B 127 2.08 -16.99 -7.93
C SER B 127 1.12 -16.08 -7.18
N LYS B 128 1.60 -15.51 -6.08
CA LYS B 128 0.81 -14.59 -5.28
C LYS B 128 1.46 -13.21 -5.12
N SER B 129 2.45 -12.85 -5.93
CA SER B 129 3.24 -11.66 -5.59
C SER B 129 4.22 -11.26 -6.65
N MET B 130 4.50 -9.97 -6.75
CA MET B 130 5.39 -9.47 -7.80
C MET B 130 5.99 -8.12 -7.44
N GLU B 131 7.08 -7.77 -8.14
CA GLU B 131 7.61 -6.41 -8.14
C GLU B 131 7.06 -5.69 -9.34
N LEU B 132 6.41 -4.55 -9.16
CA LEU B 132 5.97 -3.82 -10.32
C LEU B 132 6.77 -2.58 -10.54
N HIS B 133 7.17 -2.41 -11.79
CA HIS B 133 7.97 -1.30 -12.23
C HIS B 133 7.14 -0.28 -12.97
N TYR B 134 7.00 0.90 -12.39
CA TYR B 134 6.19 1.93 -13.01
C TYR B 134 7.08 2.96 -13.64
N GLN B 135 7.14 2.97 -14.97
CA GLN B 135 7.93 3.99 -15.69
C GLN B 135 7.10 5.06 -16.40
N SER B 136 7.39 6.33 -16.14
CA SER B 136 6.53 7.41 -16.61
C SER B 136 7.34 8.58 -17.05
N THR B 137 6.79 9.32 -18.03
CA THR B 137 7.30 10.64 -18.42
C THR B 137 6.86 11.72 -17.45
N ARG B 138 6.03 11.40 -16.45
CA ARG B 138 5.53 12.42 -15.53
C ARG B 138 5.88 12.14 -14.06
N ALA B 139 5.75 13.17 -13.19
CA ALA B 139 6.04 13.01 -11.76
C ALA B 139 4.75 13.08 -11.01
N GLY B 140 4.74 12.49 -9.81
CA GLY B 140 3.64 12.66 -8.85
C GLY B 140 2.55 11.59 -8.72
N LEU B 141 2.47 10.64 -9.66
CA LEU B 141 1.28 9.77 -9.72
C LEU B 141 1.37 8.39 -9.07
N ALA B 142 2.46 8.08 -8.42
CA ALA B 142 2.49 6.85 -7.66
C ALA B 142 1.22 6.65 -6.85
N PRO B 143 0.75 7.69 -6.15
CA PRO B 143 -0.41 7.42 -5.32
C PRO B 143 -1.59 7.00 -6.19
N MET B 144 -1.67 7.52 -7.41
CA MET B 144 -2.72 7.10 -8.33
C MET B 144 -2.58 5.63 -8.65
N VAL B 145 -1.34 5.16 -8.76
CA VAL B 145 -1.11 3.78 -9.13
C VAL B 145 -1.65 2.84 -8.06
N LEU B 146 -1.62 3.28 -6.81
CA LEU B 146 -2.09 2.45 -5.72
C LEU B 146 -3.58 2.34 -5.75
N GLY B 147 -4.25 3.48 -5.96
CA GLY B 147 -5.71 3.49 -6.07
C GLY B 147 -6.09 2.58 -7.23
N LEU B 148 -5.42 2.79 -8.36
CA LEU B 148 -5.63 2.01 -9.57
C LEU B 148 -5.53 0.57 -9.22
N LEU B 149 -4.43 0.23 -8.56
CA LEU B 149 -4.23 -1.15 -8.12
C LEU B 149 -5.33 -1.69 -7.21
N HIS B 150 -5.80 -0.93 -6.23
CA HIS B 150 -6.88 -1.48 -5.37
C HIS B 150 -8.15 -1.65 -6.18
N GLY B 151 -8.44 -0.68 -7.06
CA GLY B 151 -9.58 -0.77 -7.98
C GLY B 151 -9.62 -2.06 -8.79
N LEU B 152 -8.47 -2.46 -9.36
CA LEU B 152 -8.36 -3.74 -10.07
C LEU B 152 -8.52 -4.93 -9.13
N GLY B 153 -8.19 -4.73 -7.86
CA GLY B 153 -8.52 -5.71 -6.82
C GLY B 153 -10.02 -5.93 -6.70
N LYS B 154 -10.77 -4.84 -6.67
CA LYS B 154 -12.20 -4.94 -6.54
C LYS B 154 -12.73 -5.62 -7.78
N ARG B 155 -12.34 -5.11 -8.94
CA ARG B 155 -12.87 -5.63 -10.19
C ARG B 155 -12.70 -7.16 -10.22
N PHE B 156 -11.66 -7.65 -9.58
CA PHE B 156 -11.44 -9.08 -9.63
C PHE B 156 -11.63 -9.78 -8.29
N GLN B 157 -12.32 -9.17 -7.33
CA GLN B 157 -12.57 -9.83 -6.06
C GLN B 157 -11.23 -10.37 -5.54
N THR B 158 -10.20 -9.56 -5.64
CA THR B 158 -8.91 -10.02 -5.21
C THR B 158 -8.45 -9.05 -4.16
N LYS B 159 -7.70 -9.56 -3.19
CA LYS B 159 -7.16 -8.71 -2.17
C LYS B 159 -5.69 -8.48 -2.44
N VAL B 160 -5.34 -7.20 -2.44
CA VAL B 160 -4.08 -6.66 -2.92
C VAL B 160 -3.43 -5.90 -1.76
N GLU B 161 -2.16 -6.23 -1.50
CA GLU B 161 -1.36 -5.50 -0.55
C GLU B 161 -0.23 -4.85 -1.35
N VAL B 162 -0.07 -3.53 -1.24
CA VAL B 162 0.86 -2.75 -2.08
C VAL B 162 1.75 -1.79 -1.31
N THR B 163 3.06 -1.83 -1.58
CA THR B 163 4.03 -0.96 -0.92
C THR B 163 5.18 -0.52 -1.86
N GLN B 164 5.40 0.78 -1.89
CA GLN B 164 6.39 1.36 -2.77
C GLN B 164 7.72 1.11 -2.16
N THR B 165 8.67 0.65 -2.98
CA THR B 165 10.03 0.41 -2.48
C THR B 165 11.07 1.32 -3.18
N ALA B 166 10.64 2.11 -4.16
CA ALA B 166 11.59 2.98 -4.86
C ALA B 166 10.88 4.19 -5.37
N PHE B 167 11.59 5.31 -5.49
CA PHE B 167 10.95 6.61 -5.56
C PHE B 167 11.57 7.59 -6.56
N ARG B 168 10.93 7.71 -7.72
CA ARG B 168 11.32 8.66 -8.76
C ARG B 168 11.63 10.02 -8.16
N GLU B 169 10.77 10.54 -7.31
CA GLU B 169 10.94 11.92 -6.85
C GLU B 169 12.25 12.17 -6.15
N THR B 170 12.87 11.14 -5.61
CA THR B 170 14.12 11.32 -4.87
C THR B 170 15.29 11.18 -5.79
N GLY B 171 15.00 10.96 -7.07
CA GLY B 171 16.05 10.87 -8.07
C GLY B 171 16.39 9.45 -8.49
N GLU B 172 15.68 8.47 -7.94
CA GLU B 172 15.82 7.09 -8.38
C GLU B 172 15.22 7.01 -9.77
N ASP B 173 15.51 5.94 -10.51
CA ASP B 173 15.22 5.90 -11.96
C ASP B 173 13.70 5.76 -12.26
N HIS B 174 13.01 5.01 -11.40
CA HIS B 174 11.56 4.88 -11.50
C HIS B 174 10.98 4.28 -10.25
N ASP B 175 9.65 4.38 -10.17
CA ASP B 175 8.91 3.84 -9.04
C ASP B 175 8.79 2.34 -9.18
N ILE B 176 9.00 1.68 -8.04
CA ILE B 176 8.88 0.23 -7.94
C ILE B 176 8.01 -0.11 -6.76
N PHE B 177 7.22 -1.15 -6.92
CA PHE B 177 6.29 -1.59 -5.89
C PHE B 177 6.38 -3.08 -5.66
N SER B 178 6.13 -3.47 -4.42
CA SER B 178 5.98 -4.87 -4.11
C SER B 178 4.53 -5.11 -3.89
N ILE B 179 4.05 -6.18 -4.48
CA ILE B 179 2.65 -6.41 -4.45
C ILE B 179 2.43 -7.80 -4.04
N LYS B 180 1.54 -7.95 -3.08
CA LYS B 180 1.02 -9.25 -2.64
C LYS B 180 -0.46 -9.29 -3.02
N TYR B 181 -0.92 -10.39 -3.62
CA TYR B 181 -2.35 -10.49 -3.96
C TYR B 181 -2.90 -11.86 -3.59
N GLU B 182 -4.21 -11.90 -3.31
CA GLU B 182 -4.90 -13.15 -2.94
C GLU B 182 -4.25 -14.38 -3.59
CHA HEM C . 6.83 -4.19 17.62
CHB HEM C . 4.33 -6.75 20.81
CHC HEM C . 0.31 -6.26 18.07
CHD HEM C . 2.69 -3.05 15.45
C1A HEM C . 6.47 -4.96 18.69
C2A HEM C . 7.40 -5.58 19.55
C3A HEM C . 6.70 -6.30 20.47
C4A HEM C . 5.34 -6.11 20.16
CMA HEM C . 7.26 -7.12 21.63
CAA HEM C . 8.91 -5.43 19.54
CBA HEM C . 9.25 -4.08 20.19
CGA HEM C . 10.62 -4.08 20.80
O1A HEM C . 11.29 -5.10 20.80
O2A HEM C . 11.11 -3.04 21.32
C1B HEM C . 3.05 -6.86 20.29
C2B HEM C . 2.09 -7.75 20.80
C3B HEM C . 0.96 -7.61 20.05
C4B HEM C . 1.25 -6.63 19.03
CMB HEM C . 2.37 -8.64 21.97
CAB HEM C . -0.32 -8.31 20.19
CBB HEM C . -0.47 -9.21 21.15
C1C HEM C . 0.59 -5.34 17.10
C2C HEM C . -0.26 -4.99 16.05
C3C HEM C . 0.39 -4.04 15.30
C4C HEM C . 1.68 -3.83 15.90
CMC HEM C . -1.66 -5.50 15.79
CAC HEM C . -0.30 -3.47 14.12
CBC HEM C . 0.20 -2.58 13.29
C1D HEM C . 4.00 -3.19 15.86
C2D HEM C . 5.06 -2.56 15.08
C3D HEM C . 6.23 -2.86 15.66
C4D HEM C . 5.86 -3.70 16.77
CMD HEM C . 4.92 -1.71 13.84
CAD HEM C . 7.59 -2.41 15.11
CBD HEM C . 8.60 -1.78 16.06
CGD HEM C . 8.88 -0.35 15.72
O1D HEM C . 8.28 0.20 14.76
O2D HEM C . 9.69 0.30 16.44
NA HEM C . 5.18 -5.30 19.06
NB HEM C . 2.50 -6.22 19.28
NC HEM C . 1.77 -4.66 16.99
ND HEM C . 4.53 -3.86 16.88
FE HEM C . 3.51 -4.90 18.10
N1 NVI D . 5.52 -7.29 15.65
C2 NVI D . 5.14 -7.08 16.92
N3 NVI D . 3.96 -6.45 16.93
C4 NVI D . 3.62 -6.28 15.64
C5 NVI D . 4.57 -6.79 14.86
C6 NVI D . 6.76 -7.94 15.17
C7 NVI D . 7.92 -6.95 15.30
C1 MLI E . 7.46 -15.55 3.35
C2 MLI E . 6.93 -16.79 4.00
C3 MLI E . 7.17 -15.79 1.92
O6 MLI E . 7.77 -17.58 4.46
O7 MLI E . 5.68 -16.95 3.98
O8 MLI E . 7.84 -16.65 1.32
O9 MLI E . 6.25 -15.14 1.40
CHA HEM F . -2.59 7.50 -18.12
CHB HEM F . -6.18 5.64 -20.78
CHC HEM F . -6.42 1.91 -17.73
CHD HEM F . -2.52 3.45 -15.48
C1A HEM F . -3.56 7.29 -19.06
C2A HEM F . -3.97 8.29 -19.96
C3A HEM F . -4.98 7.78 -20.71
C4A HEM F . -5.18 6.45 -20.28
CMA HEM F . -5.76 8.44 -21.82
CAA HEM F . -3.39 9.68 -20.05
CBA HEM F . -2.11 9.64 -20.93
CGA HEM F . -1.97 10.90 -21.75
O1A HEM F . -2.89 11.75 -21.85
O2A HEM F . -0.93 11.11 -22.37
C1B HEM F . -6.58 4.47 -20.12
C2B HEM F . -7.75 3.72 -20.45
C3B HEM F . -7.81 2.64 -19.60
C4B HEM F . -6.66 2.81 -18.72
CMB HEM F . -8.72 4.06 -21.52
CAB HEM F . -8.78 1.55 -19.39
CBB HEM F . -9.96 1.58 -20.00
C1C HEM F . -5.39 2.01 -16.88
C2C HEM F . -5.22 1.13 -15.83
C3C HEM F . -4.11 1.52 -15.14
C4C HEM F . -3.59 2.70 -15.83
CMC HEM F . -6.13 -0.03 -15.52
CAC HEM F . -3.65 0.76 -13.97
CBC HEM F . -2.57 1.05 -13.26
C1D HEM F . -2.28 4.70 -16.02
C2D HEM F . -1.30 5.62 -15.43
C3D HEM F . -1.31 6.74 -16.16
C4D HEM F . -2.33 6.52 -17.19
CMD HEM F . -0.38 5.41 -14.25
CAD HEM F . -0.45 7.95 -15.85
CBD HEM F . 0.34 8.59 -16.97
CGD HEM F . 1.82 8.53 -16.71
O1D HEM F . 2.29 7.92 -15.72
O2D HEM F . 2.58 9.08 -17.53
NA HEM F . -4.33 6.16 -19.27
NB HEM F . -5.97 3.87 -19.12
NC HEM F . -4.42 2.95 -16.87
ND HEM F . -2.88 5.27 -17.09
FE HEM F . -4.29 4.54 -18.14
N1 NVI G . -5.83 7.24 -15.87
C2 NVI G . -5.78 6.56 -17.01
N3 NVI G . -5.49 5.28 -16.74
C4 NVI G . -5.36 5.19 -15.43
C5 NVI G . -5.58 6.40 -14.89
C6 NVI G . -6.12 8.70 -15.69
C7 NVI G . -4.82 9.42 -15.37
#